data_7LRQ
#
_entry.id   7LRQ
#
_cell.length_a   66.128
_cell.length_b   66.128
_cell.length_c   203.561
_cell.angle_alpha   90.000
_cell.angle_beta   90.000
_cell.angle_gamma   120.000
#
_symmetry.space_group_name_H-M   'P 31 2 1'
#
loop_
_entity.id
_entity.type
_entity.pdbx_description
1 polymer 'Splicing factor, proline- and glutamine-rich'
2 polymer 'Non-POU domain-containing octamer-binding protein'
3 non-polymer 'CHLORIDE ION'
4 water water
#
loop_
_entity_poly.entity_id
_entity_poly.type
_entity_poly.pdbx_seq_one_letter_code
_entity_poly.pdbx_strand_id
1 'polypeptide(L)'
;EGFKANLSLLRRPGEKTYTQRCRLFVGNLPADITEDEFKRLFAKYGEPGEVFINKGKGFGFIKLESRALAEIAKAELDDT
PMRGRQLRVRFATHAAALSVRNLSPYVSNELLEEAFSQFGPIERAVVIVDDRGRSTGKGIVEFASKPAARKAFERCSEGV
FLLTTTPRPVIVEPLEQLDDEDGLPEKLAQKNPMYQKERETPPRFAQHGTFEYEYSQRWKSLDEMEKQQREQVEKNMKDA
KDKLESEMEDAYHEHQANLL
;
A
2 'polypeptide(L)'
;EGLTIDLKNFRKPGEKTFTQRSRLFVGNLPPDITEEEMRKLFEKYGKAGEVFIHKDKGFGFIRLETRTLAEIAKVELDNM
PLRGKQLRVRFACHSASLTVRNLPQYVSNELLEEAFSVFGQVERAVVIVDDRGRPSGKGIVEFSGKPAARKALDRCSEGS
FLLTTFPRPVTVEPMDQLDDEEGLPEKLVIKNQQFHKEREQPPRFAQPGSFEYEYAMRWKALIEMEKQQQDQVDRNIKEA
REKLEMEMEAARHEHQVMLM
;
B
#
loop_
_chem_comp.id
_chem_comp.type
_chem_comp.name
_chem_comp.formula
CL non-polymer 'CHLORIDE ION' 'Cl -1'
#
# COMPACT_ATOMS: atom_id res chain seq x y z
N GLU A 15 -8.01 0.50 -21.82
CA GLU A 15 -8.85 -0.27 -20.90
C GLU A 15 -8.58 -1.77 -21.05
N LYS A 16 -9.05 -2.34 -22.16
CA LYS A 16 -8.89 -3.76 -22.49
C LYS A 16 -9.69 -4.64 -21.55
N THR A 17 -10.18 -5.77 -22.05
CA THR A 17 -11.04 -6.67 -21.29
C THR A 17 -10.27 -7.89 -20.80
N TYR A 18 -10.66 -8.37 -19.62
CA TYR A 18 -10.11 -9.58 -19.03
C TYR A 18 -8.59 -9.51 -18.87
N THR A 19 -8.13 -8.42 -18.25
CA THR A 19 -6.71 -8.25 -17.98
C THR A 19 -6.33 -8.94 -16.68
N GLN A 20 -5.03 -8.95 -16.39
CA GLN A 20 -4.57 -9.54 -15.13
C GLN A 20 -5.04 -8.73 -13.94
N ARG A 21 -5.27 -7.43 -14.12
CA ARG A 21 -5.84 -6.61 -13.06
C ARG A 21 -7.31 -6.93 -12.79
N CYS A 22 -7.92 -7.79 -13.61
CA CYS A 22 -9.30 -8.21 -13.41
C CYS A 22 -9.42 -9.55 -12.73
N ARG A 23 -8.32 -10.27 -12.53
CA ARG A 23 -8.35 -11.57 -11.88
C ARG A 23 -8.54 -11.39 -10.37
N LEU A 24 -9.47 -12.17 -9.80
CA LEU A 24 -9.75 -12.14 -8.38
C LEU A 24 -9.32 -13.44 -7.73
N PHE A 25 -8.87 -13.35 -6.49
CA PHE A 25 -8.48 -14.51 -5.69
C PHE A 25 -9.60 -14.82 -4.71
N VAL A 26 -10.13 -16.04 -4.79
CA VAL A 26 -11.21 -16.49 -3.92
C VAL A 26 -10.68 -17.65 -3.10
N GLY A 27 -10.37 -17.40 -1.83
CA GLY A 27 -9.84 -18.41 -0.95
C GLY A 27 -10.88 -19.00 -0.02
N ASN A 28 -10.48 -20.06 0.68
CA ASN A 28 -11.33 -20.75 1.65
C ASN A 28 -12.60 -21.26 0.99
N LEU A 29 -12.43 -21.99 -0.11
CA LEU A 29 -13.55 -22.61 -0.80
C LEU A 29 -13.91 -23.94 -0.15
N PRO A 30 -15.15 -24.40 -0.31
CA PRO A 30 -15.51 -25.74 0.19
C PRO A 30 -14.67 -26.81 -0.46
N ALA A 31 -14.58 -27.96 0.23
CA ALA A 31 -13.74 -29.05 -0.26
C ALA A 31 -14.28 -29.65 -1.55
N ASP A 32 -15.60 -29.64 -1.74
CA ASP A 32 -16.23 -30.20 -2.93
C ASP A 32 -16.62 -29.12 -3.93
N ILE A 33 -15.80 -28.10 -4.10
CA ILE A 33 -16.07 -27.05 -5.08
C ILE A 33 -15.72 -27.57 -6.47
N THR A 34 -16.57 -27.24 -7.44
CA THR A 34 -16.38 -27.67 -8.83
C THR A 34 -16.10 -26.47 -9.71
N GLU A 35 -15.69 -26.75 -10.94
CA GLU A 35 -15.31 -25.70 -11.88
C GLU A 35 -16.53 -24.85 -12.27
N ASP A 36 -17.68 -25.47 -12.42
CA ASP A 36 -18.88 -24.75 -12.85
C ASP A 36 -19.59 -24.07 -11.69
N GLU A 37 -19.58 -24.68 -10.50
CA GLU A 37 -20.20 -24.04 -9.35
C GLU A 37 -19.44 -22.79 -8.94
N PHE A 38 -18.12 -22.77 -9.13
CA PHE A 38 -17.33 -21.58 -8.84
C PHE A 38 -17.74 -20.41 -9.74
N LYS A 39 -18.20 -20.70 -10.96
CA LYS A 39 -18.67 -19.67 -11.86
C LYS A 39 -20.06 -19.17 -11.50
N ARG A 40 -20.86 -19.98 -10.80
CA ARG A 40 -22.21 -19.56 -10.41
C ARG A 40 -22.16 -18.41 -9.41
N LEU A 41 -21.08 -18.31 -8.64
CA LEU A 41 -20.94 -17.19 -7.71
C LEU A 41 -20.85 -15.87 -8.45
N PHE A 42 -19.93 -15.76 -9.40
CA PHE A 42 -19.75 -14.56 -10.21
C PHE A 42 -20.63 -14.56 -11.44
N ALA A 43 -21.86 -15.07 -11.33
CA ALA A 43 -22.74 -15.16 -12.48
C ALA A 43 -23.26 -13.79 -12.89
N LYS A 44 -23.68 -12.97 -11.92
CA LYS A 44 -24.23 -11.66 -12.20
C LYS A 44 -23.17 -10.59 -12.43
N TYR A 45 -21.97 -10.98 -12.84
CA TYR A 45 -20.89 -10.04 -13.14
C TYR A 45 -20.38 -10.22 -14.56
N GLY A 46 -21.26 -10.63 -15.47
CA GLY A 46 -20.87 -10.83 -16.85
C GLY A 46 -20.33 -12.23 -17.11
N GLU A 47 -19.76 -12.38 -18.30
CA GLU A 47 -19.19 -13.65 -18.71
C GLU A 47 -17.88 -13.90 -17.98
N PRO A 48 -17.73 -15.01 -17.27
CA PRO A 48 -16.46 -15.28 -16.58
C PRO A 48 -15.33 -15.57 -17.55
N GLY A 49 -14.15 -15.05 -17.24
CA GLY A 49 -12.99 -15.27 -18.07
C GLY A 49 -12.22 -16.52 -17.71
N GLU A 50 -10.90 -16.40 -17.56
CA GLU A 50 -10.08 -17.53 -17.19
C GLU A 50 -10.41 -17.98 -15.77
N VAL A 51 -10.80 -19.24 -15.61
CA VAL A 51 -11.20 -19.79 -14.32
C VAL A 51 -10.26 -20.94 -13.98
N PHE A 52 -9.63 -20.85 -12.81
CA PHE A 52 -8.81 -21.93 -12.27
C PHE A 52 -9.08 -22.02 -10.77
N ILE A 53 -9.17 -23.24 -10.26
CA ILE A 53 -9.42 -23.49 -8.84
C ILE A 53 -8.47 -24.56 -8.36
N ASN A 54 -7.86 -24.33 -7.20
CA ASN A 54 -7.02 -25.33 -6.53
C ASN A 54 -7.93 -26.11 -5.58
N LYS A 55 -8.44 -27.24 -6.07
CA LYS A 55 -9.40 -28.02 -5.30
C LYS A 55 -8.80 -28.59 -4.02
N GLY A 56 -7.47 -28.75 -3.99
CA GLY A 56 -6.81 -29.25 -2.80
C GLY A 56 -6.76 -28.22 -1.69
N LYS A 57 -6.10 -27.09 -1.94
CA LYS A 57 -6.03 -26.03 -0.93
C LYS A 57 -7.36 -25.33 -0.74
N GLY A 58 -8.19 -25.28 -1.78
CA GLY A 58 -9.49 -24.66 -1.66
C GLY A 58 -9.50 -23.18 -2.01
N PHE A 59 -8.76 -22.80 -3.04
CA PHE A 59 -8.78 -21.43 -3.55
C PHE A 59 -8.87 -21.47 -5.07
N GLY A 60 -9.18 -20.32 -5.66
CA GLY A 60 -9.33 -20.26 -7.10
C GLY A 60 -9.18 -18.84 -7.61
N PHE A 61 -8.95 -18.74 -8.91
CA PHE A 61 -8.84 -17.47 -9.60
C PHE A 61 -9.93 -17.36 -10.66
N ILE A 62 -10.33 -16.12 -10.96
CA ILE A 62 -11.31 -15.86 -12.00
C ILE A 62 -11.12 -14.45 -12.53
N LYS A 63 -11.06 -14.32 -13.86
CA LYS A 63 -10.95 -13.01 -14.50
C LYS A 63 -12.34 -12.52 -14.88
N LEU A 64 -12.63 -11.27 -14.55
CA LEU A 64 -13.86 -10.62 -14.97
C LEU A 64 -13.60 -9.71 -16.16
N GLU A 65 -14.68 -9.21 -16.74
CA GLU A 65 -14.58 -8.48 -18.01
C GLU A 65 -13.80 -7.18 -17.85
N SER A 66 -13.97 -6.50 -16.72
CA SER A 66 -13.31 -5.22 -16.50
C SER A 66 -12.88 -5.11 -15.04
N ARG A 67 -12.00 -4.14 -14.79
CA ARG A 67 -11.57 -3.86 -13.42
C ARG A 67 -12.73 -3.39 -12.56
N ALA A 68 -13.67 -2.64 -13.15
CA ALA A 68 -14.82 -2.15 -12.40
C ALA A 68 -15.69 -3.31 -11.92
N LEU A 69 -15.98 -4.27 -12.80
CA LEU A 69 -16.75 -5.44 -12.40
C LEU A 69 -15.99 -6.27 -11.37
N ALA A 70 -14.66 -6.29 -11.46
CA ALA A 70 -13.87 -7.05 -10.50
C ALA A 70 -13.89 -6.39 -9.12
N GLU A 71 -13.85 -5.06 -9.08
CA GLU A 71 -13.88 -4.36 -7.80
C GLU A 71 -15.26 -4.44 -7.16
N ILE A 72 -16.32 -4.54 -7.96
CA ILE A 72 -17.66 -4.69 -7.40
C ILE A 72 -17.86 -6.10 -6.84
N ALA A 73 -17.43 -7.11 -7.60
CA ALA A 73 -17.56 -8.49 -7.12
C ALA A 73 -16.71 -8.73 -5.89
N LYS A 74 -15.53 -8.11 -5.83
CA LYS A 74 -14.68 -8.23 -4.64
C LYS A 74 -15.34 -7.58 -3.43
N ALA A 75 -15.97 -6.42 -3.62
CA ALA A 75 -16.58 -5.73 -2.49
C ALA A 75 -17.83 -6.45 -1.99
N GLU A 76 -18.56 -7.13 -2.87
CA GLU A 76 -19.79 -7.80 -2.49
C GLU A 76 -19.56 -9.20 -1.94
N LEU A 77 -18.58 -9.93 -2.45
CA LEU A 77 -18.39 -11.33 -2.09
C LEU A 77 -17.37 -11.54 -0.98
N ASP A 78 -16.55 -10.54 -0.65
CA ASP A 78 -15.59 -10.71 0.44
C ASP A 78 -16.31 -10.78 1.78
N ASP A 79 -15.85 -11.70 2.63
CA ASP A 79 -16.48 -11.97 3.92
C ASP A 79 -17.95 -12.34 3.77
N THR A 80 -18.20 -13.35 2.94
CA THR A 80 -19.53 -13.90 2.73
C THR A 80 -19.48 -15.41 2.85
N PRO A 81 -20.51 -16.03 3.43
CA PRO A 81 -20.47 -17.47 3.66
C PRO A 81 -20.83 -18.27 2.40
N MET A 82 -20.33 -19.51 2.37
CA MET A 82 -20.63 -20.42 1.27
C MET A 82 -20.54 -21.84 1.82
N ARG A 83 -21.70 -22.43 2.13
CA ARG A 83 -21.77 -23.79 2.65
C ARG A 83 -20.97 -23.93 3.94
N GLY A 84 -20.96 -22.87 4.75
CA GLY A 84 -20.29 -22.91 6.03
C GLY A 84 -19.04 -22.06 6.11
N ARG A 85 -18.16 -22.19 5.11
CA ARG A 85 -16.88 -21.50 5.14
C ARG A 85 -17.02 -20.06 4.66
N GLN A 86 -16.32 -19.16 5.33
CA GLN A 86 -16.27 -17.76 4.91
C GLN A 86 -15.28 -17.59 3.77
N LEU A 87 -15.67 -16.82 2.76
CA LEU A 87 -14.86 -16.64 1.57
C LEU A 87 -13.95 -15.41 1.70
N ARG A 88 -12.72 -15.55 1.24
CA ARG A 88 -11.74 -14.46 1.25
CA ARG A 88 -11.73 -14.47 1.25
C ARG A 88 -11.51 -14.03 -0.20
N VAL A 89 -12.18 -12.96 -0.60
CA VAL A 89 -12.09 -12.45 -1.97
C VAL A 89 -11.16 -11.25 -2.00
N ARG A 90 -10.16 -11.30 -2.88
CA ARG A 90 -9.22 -10.22 -3.05
C ARG A 90 -8.66 -10.29 -4.47
N PHE A 91 -7.97 -9.22 -4.87
CA PHE A 91 -7.32 -9.20 -6.17
C PHE A 91 -6.06 -10.06 -6.13
N ALA A 92 -5.90 -10.88 -7.16
CA ALA A 92 -4.71 -11.72 -7.25
C ALA A 92 -3.46 -10.86 -7.41
N THR A 93 -2.36 -11.34 -6.86
CA THR A 93 -1.10 -10.62 -6.98
C THR A 93 -0.65 -10.55 -8.42
N HIS A 94 -0.46 -9.34 -8.94
CA HIS A 94 -0.08 -9.14 -10.32
C HIS A 94 1.30 -9.73 -10.58
N ALA A 95 1.37 -10.77 -11.41
CA ALA A 95 2.63 -11.46 -11.66
C ALA A 95 3.56 -10.66 -12.56
N ALA A 96 3.04 -9.69 -13.31
CA ALA A 96 3.87 -8.89 -14.21
C ALA A 96 3.94 -7.45 -13.75
N ALA A 97 4.34 -7.23 -12.51
CA ALA A 97 4.46 -5.90 -11.93
C ALA A 97 5.93 -5.58 -11.68
N LEU A 98 6.31 -4.34 -12.03
CA LEU A 98 7.69 -3.89 -11.88
C LEU A 98 7.72 -2.62 -11.02
N SER A 99 8.75 -2.53 -10.20
CA SER A 99 9.00 -1.33 -9.40
C SER A 99 9.88 -0.37 -10.20
N VAL A 100 9.41 0.85 -10.39
CA VAL A 100 10.12 1.89 -11.12
C VAL A 100 10.47 3.01 -10.15
N ARG A 101 11.75 3.35 -10.06
CA ARG A 101 12.22 4.35 -9.11
C ARG A 101 13.26 5.22 -9.77
N ASN A 102 13.83 6.14 -8.98
CA ASN A 102 14.78 7.15 -9.46
C ASN A 102 14.17 7.99 -10.56
N LEU A 103 12.87 8.27 -10.45
CA LEU A 103 12.18 9.09 -11.43
C LEU A 103 12.36 10.57 -11.11
N SER A 104 12.53 11.36 -12.16
CA SER A 104 12.55 12.81 -12.00
C SER A 104 11.17 13.29 -11.56
N PRO A 105 11.09 14.43 -10.84
CA PRO A 105 9.79 14.90 -10.35
C PRO A 105 8.89 15.42 -11.46
N TYR A 106 9.27 15.19 -12.72
CA TYR A 106 8.51 15.67 -13.87
C TYR A 106 8.02 14.52 -14.76
N VAL A 107 8.01 13.30 -14.23
CA VAL A 107 7.52 12.13 -14.96
C VAL A 107 6.06 11.90 -14.56
N SER A 108 5.18 11.86 -15.56
CA SER A 108 3.76 11.66 -15.34
C SER A 108 3.40 10.18 -15.55
N ASN A 109 2.13 9.86 -15.30
CA ASN A 109 1.66 8.50 -15.55
C ASN A 109 1.67 8.18 -17.04
N GLU A 110 1.28 9.14 -17.87
CA GLU A 110 1.29 8.92 -19.32
C GLU A 110 2.71 8.82 -19.85
N LEU A 111 3.62 9.66 -19.35
CA LEU A 111 5.01 9.56 -19.75
C LEU A 111 5.61 8.23 -19.33
N LEU A 112 5.29 7.77 -18.13
CA LEU A 112 5.77 6.48 -17.68
C LEU A 112 5.16 5.34 -18.50
N GLU A 113 3.89 5.47 -18.89
CA GLU A 113 3.26 4.45 -19.70
C GLU A 113 3.80 4.47 -21.13
N GLU A 114 3.92 5.67 -21.72
CA GLU A 114 4.46 5.77 -23.08
C GLU A 114 5.89 5.26 -23.15
N ALA A 115 6.67 5.47 -22.08
CA ALA A 115 8.06 5.02 -22.07
C ALA A 115 8.15 3.50 -22.07
N PHE A 116 7.50 2.85 -21.11
CA PHE A 116 7.56 1.40 -20.98
C PHE A 116 6.61 0.67 -21.92
N SER A 117 5.90 1.37 -22.80
CA SER A 117 5.02 0.70 -23.75
C SER A 117 5.80 -0.02 -24.84
N GLN A 118 7.05 0.38 -25.09
CA GLN A 118 7.85 -0.27 -26.13
C GLN A 118 8.26 -1.68 -25.74
N PHE A 119 8.16 -2.04 -24.46
CA PHE A 119 8.49 -3.38 -24.01
C PHE A 119 7.31 -4.34 -24.08
N GLY A 120 6.09 -3.83 -24.28
CA GLY A 120 4.91 -4.66 -24.34
C GLY A 120 3.66 -3.91 -23.94
N PRO A 121 2.51 -4.57 -24.08
CA PRO A 121 1.24 -3.92 -23.68
C PRO A 121 1.23 -3.60 -22.19
N ILE A 122 0.86 -2.36 -21.88
CA ILE A 122 0.84 -1.86 -20.51
C ILE A 122 -0.57 -2.01 -19.97
N GLU A 123 -0.72 -2.71 -18.84
CA GLU A 123 -2.01 -2.77 -18.18
C GLU A 123 -2.27 -1.51 -17.36
N ARG A 124 -1.27 -1.01 -16.66
CA ARG A 124 -1.36 0.26 -15.94
C ARG A 124 0.04 0.75 -15.62
N ALA A 125 0.14 2.06 -15.41
CA ALA A 125 1.41 2.68 -15.05
C ALA A 125 1.11 3.97 -14.31
N VAL A 126 1.48 4.04 -13.03
CA VAL A 126 1.19 5.19 -12.19
C VAL A 126 2.47 5.65 -11.51
N VAL A 127 2.51 6.95 -11.20
CA VAL A 127 3.61 7.55 -10.46
C VAL A 127 3.14 7.77 -9.03
N ILE A 128 3.79 7.10 -8.08
CA ILE A 128 3.41 7.23 -6.68
C ILE A 128 3.66 8.66 -6.21
N VAL A 129 2.66 9.26 -5.57
CA VAL A 129 2.74 10.63 -5.09
C VAL A 129 2.50 10.64 -3.59
N ASP A 130 2.84 11.77 -2.96
CA ASP A 130 2.68 11.95 -1.53
C ASP A 130 1.26 12.42 -1.22
N ASP A 131 1.03 12.89 0.01
CA ASP A 131 -0.30 13.34 0.39
C ASP A 131 -0.68 14.65 -0.30
N ARG A 132 0.29 15.41 -0.79
CA ARG A 132 0.01 16.67 -1.46
C ARG A 132 -0.19 16.49 -2.96
N GLY A 133 0.54 15.57 -3.57
CA GLY A 133 0.43 15.34 -5.00
C GLY A 133 1.77 15.36 -5.70
N ARG A 134 2.85 15.56 -4.95
CA ARG A 134 4.18 15.61 -5.53
C ARG A 134 4.74 14.19 -5.67
N SER A 135 5.48 13.97 -6.75
CA SER A 135 6.04 12.65 -7.03
C SER A 135 7.09 12.29 -5.98
N THR A 136 7.09 11.01 -5.59
CA THR A 136 8.05 10.51 -4.62
C THR A 136 9.30 9.91 -5.29
N GLY A 137 9.43 10.04 -6.59
CA GLY A 137 10.54 9.45 -7.32
C GLY A 137 10.38 7.98 -7.64
N LYS A 138 9.27 7.36 -7.26
CA LYS A 138 9.02 5.96 -7.51
C LYS A 138 7.71 5.79 -8.26
N GLY A 139 7.57 4.65 -8.94
CA GLY A 139 6.39 4.37 -9.72
C GLY A 139 6.18 2.89 -9.88
N ILE A 140 5.04 2.54 -10.49
CA ILE A 140 4.63 1.16 -10.69
C ILE A 140 4.22 1.00 -12.14
N VAL A 141 4.70 -0.08 -12.78
CA VAL A 141 4.32 -0.43 -14.15
C VAL A 141 3.91 -1.89 -14.15
N GLU A 142 2.73 -2.17 -14.72
CA GLU A 142 2.19 -3.53 -14.80
C GLU A 142 1.93 -3.87 -16.26
N PHE A 143 2.57 -4.94 -16.73
CA PHE A 143 2.45 -5.37 -18.11
C PHE A 143 1.32 -6.40 -18.26
N ALA A 144 1.07 -6.80 -19.50
CA ALA A 144 0.04 -7.81 -19.77
C ALA A 144 0.58 -9.22 -19.57
N SER A 145 1.88 -9.42 -19.74
CA SER A 145 2.51 -10.73 -19.57
C SER A 145 3.81 -10.57 -18.81
N LYS A 146 4.19 -11.63 -18.09
CA LYS A 146 5.42 -11.63 -17.31
C LYS A 146 6.67 -11.53 -18.20
N PRO A 147 6.74 -12.25 -19.34
CA PRO A 147 7.91 -12.05 -20.22
C PRO A 147 8.03 -10.61 -20.73
N ALA A 148 6.92 -9.89 -20.86
CA ALA A 148 7.00 -8.48 -21.24
C ALA A 148 7.64 -7.66 -20.13
N ALA A 149 7.32 -7.96 -18.87
CA ALA A 149 7.96 -7.28 -17.75
C ALA A 149 9.41 -7.70 -17.59
N ARG A 150 9.72 -8.96 -17.89
CA ARG A 150 11.11 -9.42 -17.82
C ARG A 150 11.97 -8.69 -18.84
N LYS A 151 11.43 -8.44 -20.03
CA LYS A 151 12.18 -7.70 -21.05
C LYS A 151 12.45 -6.27 -20.60
N ALA A 152 11.45 -5.62 -20.00
CA ALA A 152 11.65 -4.26 -19.50
C ALA A 152 12.62 -4.24 -18.31
N PHE A 153 12.62 -5.29 -17.50
CA PHE A 153 13.52 -5.33 -16.35
C PHE A 153 14.96 -5.59 -16.79
N GLU A 154 15.16 -6.44 -17.80
CA GLU A 154 16.50 -6.77 -18.25
C GLU A 154 17.14 -5.59 -18.98
N ARG A 155 16.44 -5.01 -19.96
CA ARG A 155 17.03 -3.96 -20.77
C ARG A 155 17.30 -2.70 -19.96
N CYS A 156 16.43 -2.39 -18.98
CA CYS A 156 16.67 -1.19 -18.18
C CYS A 156 17.82 -1.38 -17.19
N SER A 157 18.08 -2.61 -16.78
CA SER A 157 19.19 -2.89 -15.87
C SER A 157 20.49 -3.14 -16.61
N GLU A 158 20.44 -3.87 -17.73
CA GLU A 158 21.65 -4.11 -18.52
C GLU A 158 22.10 -2.85 -19.23
N GLY A 159 21.15 -2.03 -19.70
CA GLY A 159 21.45 -0.80 -20.38
C GLY A 159 21.03 0.42 -19.57
N VAL A 160 20.94 1.54 -20.27
CA VAL A 160 20.54 2.82 -19.67
C VAL A 160 19.28 3.29 -20.37
N PHE A 161 18.20 3.42 -19.60
CA PHE A 161 16.91 3.87 -20.11
C PHE A 161 16.59 5.22 -19.50
N LEU A 162 16.50 6.25 -20.34
CA LEU A 162 16.21 7.61 -19.90
C LEU A 162 14.78 7.98 -20.29
N LEU A 163 14.18 8.87 -19.51
CA LEU A 163 12.84 9.36 -19.78
C LEU A 163 12.80 10.84 -20.15
N THR A 164 13.72 11.63 -19.64
CA THR A 164 13.77 13.06 -19.91
C THR A 164 15.11 13.40 -20.55
N THR A 165 15.36 14.70 -20.73
CA THR A 165 16.63 15.15 -21.31
C THR A 165 17.79 14.88 -20.36
N THR A 166 17.57 15.05 -19.06
CA THR A 166 18.62 14.80 -18.08
C THR A 166 18.97 13.31 -18.08
N PRO A 167 20.25 12.94 -18.23
CA PRO A 167 20.62 11.51 -18.17
C PRO A 167 20.41 10.91 -16.78
N ARG A 168 19.15 10.85 -16.34
CA ARG A 168 18.77 10.21 -15.09
C ARG A 168 18.21 8.84 -15.41
N PRO A 169 18.98 7.77 -15.18
CA PRO A 169 18.49 6.43 -15.54
C PRO A 169 17.39 5.97 -14.59
N VAL A 170 16.51 5.12 -15.11
CA VAL A 170 15.42 4.56 -14.33
CA VAL A 170 15.42 4.56 -14.33
C VAL A 170 15.86 3.21 -13.76
N ILE A 171 15.58 2.99 -12.48
CA ILE A 171 15.93 1.75 -11.81
C ILE A 171 14.67 0.88 -11.77
N VAL A 172 14.73 -0.28 -12.44
CA VAL A 172 13.61 -1.19 -12.55
C VAL A 172 13.90 -2.42 -11.70
N GLU A 173 12.95 -2.79 -10.85
CA GLU A 173 13.04 -3.93 -9.96
C GLU A 173 11.69 -4.63 -9.93
N PRO A 174 11.68 -5.92 -9.59
CA PRO A 174 10.39 -6.59 -9.39
C PRO A 174 9.64 -5.98 -8.21
N LEU A 175 8.35 -5.70 -8.42
CA LEU A 175 7.55 -5.01 -7.44
C LEU A 175 7.20 -5.94 -6.28
N GLU A 176 7.66 -5.60 -5.08
CA GLU A 176 7.26 -6.31 -3.87
C GLU A 176 5.87 -5.84 -3.49
N GLN A 177 4.87 -6.67 -3.77
CA GLN A 177 3.47 -6.31 -3.57
C GLN A 177 3.06 -6.68 -2.15
N LEU A 178 2.86 -5.67 -1.30
CA LEU A 178 2.40 -5.87 0.06
C LEU A 178 0.87 -5.79 0.12
N ASP A 179 0.33 -6.33 1.20
CA ASP A 179 -1.11 -6.37 1.42
C ASP A 179 -1.44 -5.57 2.67
N ASP A 180 -1.95 -4.35 2.49
CA ASP A 180 -2.38 -3.50 3.58
C ASP A 180 -3.90 -3.40 3.68
N GLU A 181 -4.64 -4.05 2.78
CA GLU A 181 -6.09 -4.08 2.85
C GLU A 181 -6.53 -5.13 3.85
N ASP A 182 -6.46 -6.40 3.46
CA ASP A 182 -6.74 -7.52 4.36
C ASP A 182 -5.42 -7.95 4.99
N GLY A 183 -5.22 -7.61 6.26
CA GLY A 183 -3.98 -7.93 6.93
C GLY A 183 -3.86 -9.38 7.34
N LEU A 184 -3.43 -9.61 8.57
CA LEU A 184 -3.31 -10.97 9.11
C LEU A 184 -4.38 -11.16 10.18
N PRO A 185 -5.53 -11.74 9.85
CA PRO A 185 -6.60 -11.90 10.84
C PRO A 185 -6.18 -12.82 11.98
N GLU A 186 -6.85 -12.66 13.12
CA GLU A 186 -6.53 -13.47 14.29
C GLU A 186 -6.87 -14.93 14.07
N LYS A 187 -7.86 -15.23 13.24
CA LYS A 187 -8.21 -16.62 12.95
C LYS A 187 -7.05 -17.33 12.27
N LEU A 188 -6.37 -16.65 11.35
CA LEU A 188 -5.19 -17.23 10.70
C LEU A 188 -3.97 -17.19 11.60
N ALA A 189 -3.94 -16.32 12.60
CA ALA A 189 -2.83 -16.27 13.54
C ALA A 189 -2.89 -17.38 14.58
N GLN A 190 -4.05 -17.99 14.78
CA GLN A 190 -4.18 -19.09 15.73
C GLN A 190 -3.54 -20.38 15.23
N LYS A 191 -3.06 -20.40 13.98
CA LYS A 191 -2.43 -21.61 13.46
C LYS A 191 -1.13 -21.92 14.19
N ASN A 192 -0.37 -20.89 14.55
CA ASN A 192 0.88 -21.08 15.27
C ASN A 192 0.59 -21.08 16.77
N PRO A 193 0.98 -22.11 17.51
CA PRO A 193 0.65 -22.16 18.94
C PRO A 193 1.29 -21.05 19.76
N MET A 194 2.49 -20.58 19.36
CA MET A 194 3.16 -19.53 20.12
C MET A 194 2.44 -18.19 20.06
N TYR A 195 1.47 -18.03 19.17
CA TYR A 195 0.68 -16.80 19.14
C TYR A 195 -0.11 -16.64 20.43
N GLN A 196 -0.75 -17.72 20.91
CA GLN A 196 -1.45 -17.67 22.18
C GLN A 196 -0.49 -17.56 23.35
N LYS A 197 0.74 -18.07 23.20
CA LYS A 197 1.73 -17.95 24.25
C LYS A 197 2.20 -16.51 24.40
N GLU A 198 2.33 -15.79 23.28
CA GLU A 198 2.71 -14.38 23.34
C GLU A 198 1.59 -13.53 23.92
N ARG A 199 0.33 -13.89 23.66
CA ARG A 199 -0.80 -13.13 24.17
C ARG A 199 -1.09 -13.39 25.64
N GLU A 200 -0.29 -14.21 26.31
CA GLU A 200 -0.45 -14.38 27.75
C GLU A 200 -0.19 -13.07 28.49
N THR A 201 0.65 -12.21 27.93
CA THR A 201 0.90 -10.90 28.49
C THR A 201 0.15 -9.85 27.67
N PRO A 202 -0.79 -9.12 28.27
CA PRO A 202 -1.57 -8.14 27.48
C PRO A 202 -0.70 -6.96 27.08
N PRO A 203 -1.15 -6.15 26.12
CA PRO A 203 -0.39 -4.95 25.76
C PRO A 203 -0.24 -4.02 26.95
N ARG A 204 0.95 -3.45 27.08
CA ARG A 204 1.29 -2.67 28.27
C ARG A 204 2.42 -1.71 27.93
N PHE A 205 2.68 -0.79 28.86
CA PHE A 205 3.86 0.06 28.83
C PHE A 205 4.88 -0.45 29.83
N ALA A 206 6.12 -0.61 29.40
CA ALA A 206 7.16 -1.13 30.28
C ALA A 206 7.52 -0.07 31.32
N GLN A 207 7.26 -0.40 32.59
CA GLN A 207 7.58 0.49 33.70
C GLN A 207 8.96 0.17 34.24
N HIS A 208 9.62 1.20 34.80
CA HIS A 208 10.95 1.02 35.35
C HIS A 208 10.92 0.03 36.51
N GLY A 209 12.03 -0.69 36.68
CA GLY A 209 12.13 -1.72 37.68
C GLY A 209 11.72 -3.10 37.23
N THR A 210 11.06 -3.22 36.07
CA THR A 210 10.66 -4.50 35.54
C THR A 210 11.86 -5.23 34.94
N PHE A 211 11.77 -6.56 34.90
CA PHE A 211 12.83 -7.35 34.28
C PHE A 211 12.92 -7.10 32.78
N GLU A 212 11.79 -6.78 32.15
CA GLU A 212 11.75 -6.50 30.72
C GLU A 212 12.02 -5.04 30.39
N TYR A 213 12.03 -4.15 31.38
CA TYR A 213 12.23 -2.74 31.12
C TYR A 213 13.66 -2.45 30.66
N GLU A 214 14.64 -3.14 31.27
CA GLU A 214 16.03 -2.90 30.92
C GLU A 214 16.31 -3.21 29.46
N TYR A 215 15.71 -4.29 28.94
CA TYR A 215 15.92 -4.67 27.56
C TYR A 215 14.99 -3.96 26.59
N SER A 216 13.83 -3.48 27.06
CA SER A 216 12.97 -2.68 26.19
C SER A 216 13.66 -1.38 25.79
N GLN A 217 14.37 -0.76 26.73
CA GLN A 217 15.10 0.46 26.41
C GLN A 217 16.30 0.18 25.51
N ARG A 218 16.90 -1.00 25.64
CA ARG A 218 18.00 -1.37 24.74
C ARG A 218 17.50 -1.64 23.33
N TRP A 219 16.30 -2.21 23.19
CA TRP A 219 15.70 -2.35 21.87
C TRP A 219 15.39 -0.98 21.27
N LYS A 220 14.80 -0.09 22.07
CA LYS A 220 14.50 1.25 21.58
C LYS A 220 15.76 2.04 21.29
N SER A 221 16.85 1.76 22.01
CA SER A 221 18.13 2.40 21.69
C SER A 221 18.74 1.82 20.43
N LEU A 222 18.53 0.52 20.18
CA LEU A 222 19.03 -0.09 18.94
C LEU A 222 18.26 0.42 17.74
N ASP A 223 16.95 0.65 17.89
CA ASP A 223 16.16 1.21 16.80
C ASP A 223 16.56 2.65 16.52
N GLU A 224 16.93 3.41 17.56
CA GLU A 224 17.41 4.77 17.34
C GLU A 224 18.77 4.78 16.65
N MET A 225 19.62 3.80 16.96
CA MET A 225 20.89 3.68 16.26
C MET A 225 20.69 3.31 14.79
N GLU A 226 19.71 2.44 14.52
CA GLU A 226 19.41 2.09 13.13
C GLU A 226 18.87 3.29 12.37
N LYS A 227 18.05 4.12 13.03
CA LYS A 227 17.52 5.30 12.37
C LYS A 227 18.62 6.31 12.04
N GLN A 228 19.55 6.52 12.97
CA GLN A 228 20.61 7.50 12.75
C GLN A 228 21.56 7.06 11.65
N GLN A 229 21.80 5.76 11.50
CA GLN A 229 22.70 5.29 10.47
C GLN A 229 22.05 5.28 9.09
N ARG A 230 20.76 4.94 9.01
CA ARG A 230 20.08 4.93 7.72
C ARG A 230 19.81 6.34 7.22
N GLU A 231 19.48 7.27 8.13
CA GLU A 231 19.30 8.66 7.72
C GLU A 231 20.61 9.30 7.32
N GLN A 232 21.74 8.78 7.81
CA GLN A 232 23.04 9.27 7.37
C GLN A 232 23.39 8.76 5.98
N VAL A 233 23.02 7.53 5.67
CA VAL A 233 23.26 6.98 4.33
C VAL A 233 22.39 7.69 3.31
N GLU A 234 21.10 7.84 3.61
CA GLU A 234 20.18 8.50 2.68
C GLU A 234 20.50 9.98 2.53
N LYS A 235 21.19 10.59 3.50
CA LYS A 235 21.60 11.97 3.36
C LYS A 235 22.84 12.10 2.48
N ASN A 236 23.75 11.13 2.53
CA ASN A 236 24.94 11.17 1.69
C ASN A 236 24.60 10.96 0.22
N MET A 237 23.60 10.12 -0.08
CA MET A 237 23.20 9.91 -1.46
C MET A 237 22.54 11.16 -2.04
N LYS A 238 21.71 11.84 -1.24
CA LYS A 238 21.08 13.07 -1.71
C LYS A 238 22.12 14.14 -2.03
N ASP A 239 23.15 14.24 -1.19
CA ASP A 239 24.24 15.18 -1.48
C ASP A 239 25.02 14.75 -2.71
N ALA A 240 25.17 13.45 -2.94
CA ALA A 240 25.84 12.97 -4.14
C ALA A 240 24.95 13.11 -5.37
N LYS A 241 23.64 12.95 -5.21
CA LYS A 241 22.73 13.13 -6.33
C LYS A 241 22.61 14.59 -6.73
N ASP A 242 22.82 15.51 -5.79
CA ASP A 242 22.78 16.93 -6.11
C ASP A 242 24.05 17.39 -6.80
N LYS A 243 25.19 16.78 -6.48
CA LYS A 243 26.44 17.15 -7.14
C LYS A 243 26.48 16.65 -8.58
N LEU A 244 25.80 15.54 -8.88
CA LEU A 244 25.75 15.06 -10.25
C LEU A 244 24.99 16.04 -11.15
N GLU A 245 23.87 16.58 -10.66
CA GLU A 245 23.16 17.60 -11.41
C GLU A 245 23.89 18.94 -11.41
N SER A 246 24.91 19.09 -10.57
CA SER A 246 25.71 20.32 -10.57
C SER A 246 26.80 20.25 -11.62
N GLU A 247 27.54 19.14 -11.66
CA GLU A 247 28.56 18.97 -12.70
C GLU A 247 27.94 18.73 -14.07
N MET A 248 26.65 18.40 -14.14
CA MET A 248 26.01 18.24 -15.44
C MET A 248 25.90 19.57 -16.17
N GLU A 249 25.86 20.68 -15.43
CA GLU A 249 25.90 22.00 -16.06
C GLU A 249 27.17 22.17 -16.89
N ASP A 250 28.25 21.48 -16.52
CA ASP A 250 29.46 21.43 -17.32
C ASP A 250 29.40 20.27 -18.33
N ALA A 251 28.34 20.26 -19.14
CA ALA A 251 28.09 19.16 -20.05
C ALA A 251 29.13 19.05 -21.15
N TYR A 252 29.93 20.09 -21.37
CA TYR A 252 30.97 20.04 -22.38
C TYR A 252 32.06 19.06 -21.97
N HIS A 253 32.46 18.20 -22.89
CA HIS A 253 33.50 17.20 -22.62
C HIS A 253 34.83 17.86 -22.29
N THR B 4 -24.99 0.01 -12.97
CA THR B 4 -25.24 -1.32 -12.38
C THR B 4 -26.30 -1.23 -11.28
N ILE B 5 -26.63 -2.37 -10.68
CA ILE B 5 -27.65 -2.42 -9.64
C ILE B 5 -27.49 -3.69 -8.80
N ASP B 6 -27.47 -3.52 -7.48
CA ASP B 6 -27.44 -4.60 -6.51
C ASP B 6 -27.75 -3.98 -5.15
N LEU B 7 -28.38 -4.77 -4.27
CA LEU B 7 -29.00 -4.21 -3.09
C LEU B 7 -28.62 -4.97 -1.83
N LYS B 8 -28.86 -4.31 -0.69
CA LYS B 8 -28.52 -4.63 0.71
C LYS B 8 -27.66 -3.49 1.22
N ASN B 9 -27.30 -3.53 2.51
CA ASN B 9 -26.36 -2.56 3.07
C ASN B 9 -24.95 -3.12 3.16
N PHE B 10 -24.75 -4.40 2.85
CA PHE B 10 -23.43 -4.98 2.61
C PHE B 10 -22.48 -4.76 3.79
N ARG B 11 -22.97 -5.04 4.99
N ARG B 11 -22.96 -5.07 4.99
CA ARG B 11 -22.15 -4.90 6.18
CA ARG B 11 -22.17 -4.88 6.20
C ARG B 11 -21.31 -6.15 6.38
C ARG B 11 -21.36 -6.13 6.49
N LYS B 12 -20.05 -5.96 6.73
CA LYS B 12 -19.17 -7.08 6.98
C LYS B 12 -19.32 -7.56 8.43
N PRO B 13 -19.06 -8.85 8.69
CA PRO B 13 -19.20 -9.37 10.06
C PRO B 13 -18.42 -8.57 11.09
N GLY B 14 -19.14 -7.84 11.94
CA GLY B 14 -18.50 -7.04 12.96
C GLY B 14 -17.80 -5.81 12.43
N GLU B 15 -18.31 -5.21 11.36
CA GLU B 15 -17.70 -4.03 10.77
C GLU B 15 -18.27 -2.77 11.39
N LYS B 16 -17.38 -1.83 11.74
CA LYS B 16 -17.81 -0.53 12.20
C LYS B 16 -18.24 0.31 11.00
N THR B 17 -19.41 0.94 11.10
CA THR B 17 -19.98 1.69 10.00
C THR B 17 -19.67 3.18 10.14
N PHE B 18 -19.73 3.88 9.01
CA PHE B 18 -19.51 5.32 8.94
C PHE B 18 -18.15 5.72 9.48
N THR B 19 -17.13 4.94 9.11
CA THR B 19 -15.75 5.30 9.42
C THR B 19 -15.19 6.17 8.29
N GLN B 20 -13.93 6.59 8.45
CA GLN B 20 -13.29 7.37 7.39
C GLN B 20 -12.98 6.54 6.15
N ARG B 21 -13.00 5.21 6.27
CA ARG B 21 -12.79 4.36 5.11
C ARG B 21 -13.93 4.48 4.12
N SER B 22 -15.15 4.76 4.60
CA SER B 22 -16.30 4.99 3.74
C SER B 22 -16.52 6.46 3.44
N ARG B 23 -15.51 7.31 3.67
CA ARG B 23 -15.60 8.73 3.39
C ARG B 23 -15.12 8.98 1.97
N LEU B 24 -15.98 9.56 1.14
CA LEU B 24 -15.69 9.80 -0.27
C LEU B 24 -15.51 11.28 -0.52
N PHE B 25 -14.42 11.64 -1.19
CA PHE B 25 -14.22 13.00 -1.69
C PHE B 25 -14.77 13.09 -3.10
N VAL B 26 -15.66 14.06 -3.32
CA VAL B 26 -16.29 14.27 -4.62
C VAL B 26 -15.85 15.65 -5.11
N GLY B 27 -15.03 15.69 -6.16
CA GLY B 27 -14.50 16.91 -6.69
C GLY B 27 -15.11 17.30 -8.03
N ASN B 28 -14.78 18.52 -8.46
CA ASN B 28 -15.24 19.07 -9.74
C ASN B 28 -16.75 19.10 -9.84
N LEU B 29 -17.43 19.34 -8.71
CA LEU B 29 -18.87 19.42 -8.70
C LEU B 29 -19.34 20.70 -9.40
N PRO B 30 -20.53 20.68 -10.01
CA PRO B 30 -21.05 21.91 -10.59
C PRO B 30 -21.40 22.92 -9.52
N PRO B 31 -21.26 24.22 -9.81
CA PRO B 31 -21.55 25.23 -8.78
C PRO B 31 -23.01 25.32 -8.36
N ASP B 32 -23.92 24.69 -9.11
CA ASP B 32 -25.34 24.74 -8.78
C ASP B 32 -25.81 23.40 -8.23
N ILE B 33 -25.25 23.05 -7.06
CA ILE B 33 -25.57 21.81 -6.38
C ILE B 33 -25.80 22.11 -4.90
N THR B 34 -26.70 21.35 -4.29
CA THR B 34 -27.07 21.52 -2.89
C THR B 34 -26.80 20.22 -2.12
N GLU B 35 -27.18 20.22 -0.84
CA GLU B 35 -26.95 19.06 0.00
C GLU B 35 -27.89 17.91 -0.37
N GLU B 36 -29.17 18.23 -0.63
CA GLU B 36 -30.12 17.19 -1.00
C GLU B 36 -29.81 16.60 -2.37
N GLU B 37 -29.23 17.40 -3.27
CA GLU B 37 -28.92 16.91 -4.61
C GLU B 37 -27.81 15.88 -4.57
N MET B 38 -26.77 16.09 -3.76
CA MET B 38 -25.70 15.11 -3.66
C MET B 38 -26.14 13.87 -2.89
N ARG B 39 -27.05 14.03 -1.92
CA ARG B 39 -27.62 12.87 -1.25
C ARG B 39 -28.47 12.05 -2.22
N LYS B 40 -29.17 12.73 -3.13
CA LYS B 40 -29.97 12.01 -4.13
C LYS B 40 -29.07 11.28 -5.13
N LEU B 41 -27.87 11.83 -5.39
CA LEU B 41 -26.93 11.15 -6.28
C LEU B 41 -26.40 9.87 -5.67
N PHE B 42 -26.25 9.83 -4.35
CA PHE B 42 -25.79 8.65 -3.63
C PHE B 42 -26.94 7.90 -2.96
N GLU B 43 -28.18 8.19 -3.33
CA GLU B 43 -29.32 7.51 -2.72
C GLU B 43 -29.31 6.02 -3.01
N LYS B 44 -28.70 5.61 -4.12
CA LYS B 44 -28.65 4.20 -4.46
C LYS B 44 -27.79 3.41 -3.49
N TYR B 45 -26.74 4.03 -2.94
CA TYR B 45 -25.75 3.32 -2.14
C TYR B 45 -26.05 3.37 -0.65
N GLY B 46 -27.33 3.46 -0.27
CA GLY B 46 -27.71 3.35 1.12
C GLY B 46 -27.71 4.67 1.86
N LYS B 47 -27.79 4.55 3.18
CA LYS B 47 -27.86 5.71 4.06
C LYS B 47 -26.52 6.45 4.06
N ALA B 48 -26.59 7.78 4.00
CA ALA B 48 -25.42 8.64 4.02
C ALA B 48 -25.38 9.44 5.32
N GLY B 49 -24.19 9.52 5.92
CA GLY B 49 -24.03 10.25 7.16
C GLY B 49 -23.73 11.72 6.97
N GLU B 50 -22.50 12.14 7.26
CA GLU B 50 -22.12 13.53 7.11
C GLU B 50 -22.05 13.91 5.63
N VAL B 51 -22.40 15.16 5.34
CA VAL B 51 -22.35 15.72 3.99
C VAL B 51 -21.81 17.14 4.09
N PHE B 52 -20.58 17.35 3.65
CA PHE B 52 -19.97 18.68 3.57
C PHE B 52 -19.93 19.12 2.12
N ILE B 53 -20.14 20.41 1.89
CA ILE B 53 -20.20 20.97 0.55
C ILE B 53 -19.53 22.35 0.55
N HIS B 54 -18.73 22.61 -0.48
CA HIS B 54 -18.17 23.93 -0.75
C HIS B 54 -18.72 24.36 -2.10
N LYS B 55 -19.87 25.04 -2.07
CA LYS B 55 -20.59 25.36 -3.32
C LYS B 55 -19.77 26.27 -4.22
N ASP B 56 -19.05 27.23 -3.63
CA ASP B 56 -18.31 28.20 -4.43
C ASP B 56 -17.09 27.57 -5.10
N LYS B 57 -16.55 26.50 -4.54
CA LYS B 57 -15.35 25.87 -5.07
C LYS B 57 -15.62 24.59 -5.85
N GLY B 58 -16.70 23.89 -5.55
CA GLY B 58 -17.10 22.74 -6.34
C GLY B 58 -16.62 21.39 -5.86
N PHE B 59 -16.43 21.22 -4.55
CA PHE B 59 -16.08 19.92 -3.98
C PHE B 59 -16.85 19.74 -2.69
N GLY B 60 -16.70 18.55 -2.10
CA GLY B 60 -17.38 18.26 -0.85
C GLY B 60 -17.03 16.88 -0.36
N PHE B 61 -17.66 16.51 0.75
CA PHE B 61 -17.47 15.21 1.39
C PHE B 61 -18.81 14.54 1.60
N ILE B 62 -18.81 13.21 1.53
CA ILE B 62 -19.98 12.41 1.88
C ILE B 62 -19.48 11.06 2.40
N ARG B 63 -20.05 10.61 3.50
CA ARG B 63 -19.62 9.37 4.16
C ARG B 63 -20.74 8.35 4.06
N LEU B 64 -20.48 7.26 3.34
CA LEU B 64 -21.46 6.20 3.19
C LEU B 64 -21.41 5.26 4.40
N GLU B 65 -22.22 4.20 4.35
CA GLU B 65 -22.36 3.32 5.50
C GLU B 65 -21.13 2.44 5.69
N THR B 66 -20.76 1.68 4.67
CA THR B 66 -19.67 0.72 4.76
C THR B 66 -18.66 0.98 3.65
N ARG B 67 -17.52 0.30 3.77
CA ARG B 67 -16.48 0.39 2.75
C ARG B 67 -16.95 -0.20 1.42
N THR B 68 -17.79 -1.24 1.47
CA THR B 68 -18.30 -1.85 0.25
C THR B 68 -19.15 -0.86 -0.54
N LEU B 69 -20.09 -0.19 0.13
CA LEU B 69 -20.95 0.78 -0.54
C LEU B 69 -20.14 1.94 -1.10
N ALA B 70 -19.02 2.29 -0.46
CA ALA B 70 -18.19 3.39 -0.95
C ALA B 70 -17.39 2.97 -2.16
N GLU B 71 -16.90 1.72 -2.19
CA GLU B 71 -16.18 1.23 -3.36
C GLU B 71 -17.10 1.07 -4.56
N ILE B 72 -18.37 0.70 -4.32
CA ILE B 72 -19.31 0.57 -5.42
C ILE B 72 -19.72 1.95 -5.93
N ALA B 73 -19.89 2.92 -5.02
CA ALA B 73 -20.23 4.27 -5.43
C ALA B 73 -19.07 4.94 -6.17
N LYS B 74 -17.83 4.57 -5.83
CA LYS B 74 -16.68 5.17 -6.51
C LYS B 74 -16.60 4.69 -7.95
N VAL B 75 -16.70 3.38 -8.18
CA VAL B 75 -16.53 2.83 -9.52
C VAL B 75 -17.67 3.20 -10.45
N GLU B 76 -18.84 3.59 -9.91
CA GLU B 76 -19.98 3.94 -10.74
C GLU B 76 -20.14 5.42 -10.97
N LEU B 77 -19.55 6.28 -10.12
CA LEU B 77 -19.70 7.72 -10.24
C LEU B 77 -18.42 8.44 -10.61
N ASP B 78 -17.26 7.79 -10.54
CA ASP B 78 -16.02 8.44 -10.93
C ASP B 78 -15.99 8.66 -12.43
N ASN B 79 -15.57 9.86 -12.83
CA ASN B 79 -15.49 10.25 -14.24
C ASN B 79 -16.84 10.13 -14.93
N MET B 80 -17.90 10.51 -14.22
CA MET B 80 -19.25 10.49 -14.75
C MET B 80 -19.72 11.92 -15.00
N PRO B 81 -20.32 12.21 -16.16
CA PRO B 81 -20.77 13.58 -16.42
C PRO B 81 -21.92 13.98 -15.52
N LEU B 82 -21.92 15.27 -15.16
CA LEU B 82 -22.98 15.84 -14.34
C LEU B 82 -23.04 17.33 -14.59
N ARG B 83 -24.07 17.79 -15.31
CA ARG B 83 -24.23 19.19 -15.68
C ARG B 83 -23.00 19.69 -16.46
N GLY B 84 -22.53 18.85 -17.38
CA GLY B 84 -21.43 19.22 -18.25
C GLY B 84 -20.04 18.97 -17.71
N LYS B 85 -19.91 18.63 -16.43
CA LYS B 85 -18.62 18.42 -15.80
C LYS B 85 -18.48 16.98 -15.33
N GLN B 86 -17.26 16.45 -15.42
CA GLN B 86 -16.98 15.10 -14.99
C GLN B 86 -16.72 15.06 -13.50
N LEU B 87 -17.36 14.12 -12.81
CA LEU B 87 -17.18 13.98 -11.37
C LEU B 87 -15.86 13.30 -11.06
N ARG B 88 -15.22 13.73 -9.97
CA ARG B 88 -13.96 13.15 -9.50
C ARG B 88 -14.22 12.55 -8.12
N VAL B 89 -14.61 11.28 -8.10
CA VAL B 89 -14.89 10.57 -6.86
C VAL B 89 -13.63 9.83 -6.42
N ARG B 90 -13.22 10.05 -5.16
CA ARG B 90 -11.99 9.47 -4.64
C ARG B 90 -12.14 9.32 -3.13
N PHE B 91 -11.60 8.23 -2.60
CA PHE B 91 -11.57 8.03 -1.16
C PHE B 91 -10.75 9.14 -0.49
N ALA B 92 -11.36 9.79 0.50
CA ALA B 92 -10.67 10.84 1.24
C ALA B 92 -9.54 10.24 2.06
N CYS B 93 -8.46 11.02 2.21
CA CYS B 93 -7.33 10.58 3.00
C CYS B 93 -7.70 10.53 4.48
N HIS B 94 -7.23 9.48 5.16
CA HIS B 94 -7.53 9.31 6.58
C HIS B 94 -6.76 10.34 7.39
N SER B 95 -7.48 11.17 8.14
CA SER B 95 -6.87 12.25 8.89
C SER B 95 -6.22 11.79 10.18
N ALA B 96 -6.52 10.58 10.66
CA ALA B 96 -5.99 10.06 11.91
C ALA B 96 -5.47 8.64 11.70
N SER B 97 -4.46 8.52 10.85
CA SER B 97 -3.85 7.23 10.53
C SER B 97 -2.41 7.22 11.04
N LEU B 98 -1.98 6.08 11.59
CA LEU B 98 -0.66 5.94 12.18
C LEU B 98 0.04 4.74 11.58
N THR B 99 1.36 4.86 11.42
CA THR B 99 2.20 3.77 10.94
C THR B 99 2.94 3.15 12.13
N VAL B 100 2.86 1.83 12.25
CA VAL B 100 3.49 1.10 13.35
C VAL B 100 4.53 0.17 12.75
N ARG B 101 5.78 0.34 13.18
CA ARG B 101 6.89 -0.48 12.71
C ARG B 101 7.44 -1.33 13.86
N ASN B 102 8.34 -2.25 13.49
CA ASN B 102 8.99 -3.14 14.45
C ASN B 102 7.97 -3.97 15.23
N LEU B 103 6.98 -4.50 14.53
CA LEU B 103 6.01 -5.38 15.16
C LEU B 103 6.67 -6.70 15.56
N PRO B 104 6.23 -7.31 16.66
CA PRO B 104 6.76 -8.62 17.03
C PRO B 104 6.34 -9.69 16.03
N GLN B 105 6.91 -10.88 16.22
CA GLN B 105 6.72 -11.96 15.24
C GLN B 105 5.27 -12.40 15.17
N TYR B 106 4.61 -12.57 16.31
CA TYR B 106 3.24 -13.06 16.38
C TYR B 106 2.31 -11.87 16.59
N VAL B 107 1.72 -11.38 15.49
CA VAL B 107 0.80 -10.25 15.53
C VAL B 107 -0.41 -10.56 14.64
N SER B 108 -1.47 -9.79 14.86
CA SER B 108 -2.68 -9.91 14.06
C SER B 108 -3.39 -8.56 14.04
N ASN B 109 -4.40 -8.46 13.19
CA ASN B 109 -5.17 -7.22 13.11
C ASN B 109 -5.91 -6.94 14.41
N GLU B 110 -6.49 -7.98 15.02
CA GLU B 110 -7.24 -7.80 16.25
C GLU B 110 -6.33 -7.43 17.41
N LEU B 111 -5.13 -8.03 17.47
CA LEU B 111 -4.18 -7.67 18.51
C LEU B 111 -3.73 -6.22 18.39
N LEU B 112 -3.48 -5.77 17.16
CA LEU B 112 -3.08 -4.38 16.95
C LEU B 112 -4.22 -3.42 17.25
N GLU B 113 -5.46 -3.83 16.99
CA GLU B 113 -6.61 -2.98 17.31
C GLU B 113 -6.86 -2.92 18.81
N GLU B 114 -6.80 -4.07 19.48
CA GLU B 114 -7.04 -4.11 20.93
C GLU B 114 -5.95 -3.35 21.68
N ALA B 115 -4.71 -3.42 21.20
CA ALA B 115 -3.60 -2.76 21.89
C ALA B 115 -3.74 -1.25 21.84
N PHE B 116 -3.87 -0.68 20.63
CA PHE B 116 -3.95 0.76 20.48
C PHE B 116 -5.31 1.33 20.85
N SER B 117 -6.28 0.48 21.23
CA SER B 117 -7.56 0.98 21.69
C SER B 117 -7.48 1.69 23.03
N VAL B 118 -6.35 1.58 23.73
CA VAL B 118 -6.16 2.30 25.00
C VAL B 118 -5.92 3.78 24.81
N PHE B 119 -5.72 4.24 23.57
CA PHE B 119 -5.52 5.65 23.28
C PHE B 119 -6.75 6.32 22.69
N GLY B 120 -7.75 5.55 22.30
CA GLY B 120 -8.96 6.11 21.71
C GLY B 120 -9.74 5.03 20.98
N GLN B 121 -10.67 5.50 20.15
CA GLN B 121 -11.50 4.61 19.34
C GLN B 121 -10.77 4.27 18.05
N VAL B 122 -10.37 3.01 17.92
CA VAL B 122 -9.66 2.54 16.73
C VAL B 122 -10.68 2.16 15.68
N GLU B 123 -10.58 2.78 14.50
CA GLU B 123 -11.48 2.42 13.41
C GLU B 123 -11.01 1.15 12.69
N ARG B 124 -9.70 1.02 12.46
CA ARG B 124 -9.17 -0.12 11.74
C ARG B 124 -7.70 -0.28 12.05
N ALA B 125 -7.26 -1.52 12.22
CA ALA B 125 -5.85 -1.86 12.42
C ALA B 125 -5.51 -3.03 11.52
N VAL B 126 -4.39 -2.92 10.81
CA VAL B 126 -4.00 -3.89 9.80
C VAL B 126 -2.52 -4.21 9.96
N VAL B 127 -2.19 -5.50 9.94
CA VAL B 127 -0.81 -5.97 9.91
C VAL B 127 -0.44 -6.25 8.46
N ILE B 128 0.53 -5.50 7.93
CA ILE B 128 0.92 -5.64 6.54
C ILE B 128 1.55 -7.00 6.32
N VAL B 129 1.07 -7.73 5.31
CA VAL B 129 1.58 -9.04 4.97
C VAL B 129 2.07 -9.03 3.53
N ASP B 130 3.02 -9.92 3.23
CA ASP B 130 3.63 -9.96 1.91
C ASP B 130 2.86 -10.87 0.96
N ASP B 131 3.56 -11.50 0.03
CA ASP B 131 2.92 -12.40 -0.94
C ASP B 131 2.56 -13.74 -0.31
N ARG B 132 3.41 -14.25 0.58
CA ARG B 132 3.23 -15.57 1.17
C ARG B 132 2.54 -15.49 2.53
N GLY B 133 1.83 -14.41 2.82
CA GLY B 133 1.11 -14.27 4.06
C GLY B 133 1.96 -13.96 5.28
N ARG B 134 3.26 -13.71 5.09
CA ARG B 134 4.12 -13.41 6.22
C ARG B 134 4.07 -11.92 6.55
N PRO B 135 4.06 -11.57 7.83
CA PRO B 135 4.09 -10.15 8.20
C PRO B 135 5.40 -9.50 7.82
N SER B 136 5.32 -8.24 7.41
CA SER B 136 6.50 -7.46 7.04
C SER B 136 7.09 -6.69 8.21
N GLY B 137 6.45 -6.73 9.38
CA GLY B 137 6.87 -5.96 10.52
C GLY B 137 6.24 -4.59 10.64
N LYS B 138 5.56 -4.12 9.60
CA LYS B 138 4.90 -2.83 9.62
C LYS B 138 3.39 -3.00 9.77
N GLY B 139 2.75 -2.01 10.39
CA GLY B 139 1.32 -2.05 10.60
C GLY B 139 0.71 -0.67 10.43
N ILE B 140 -0.62 -0.66 10.33
CA ILE B 140 -1.39 0.57 10.16
C ILE B 140 -2.47 0.60 11.24
N VAL B 141 -2.57 1.73 11.93
CA VAL B 141 -3.60 1.95 12.95
C VAL B 141 -4.32 3.25 12.61
N GLU B 142 -5.64 3.16 12.45
CA GLU B 142 -6.47 4.31 12.11
C GLU B 142 -7.44 4.56 13.25
N PHE B 143 -7.41 5.77 13.79
CA PHE B 143 -8.25 6.16 14.91
C PHE B 143 -9.48 6.92 14.42
N SER B 144 -10.39 7.18 15.37
CA SER B 144 -11.61 7.92 15.04
C SER B 144 -11.34 9.40 14.88
N GLY B 145 -10.43 9.97 15.67
CA GLY B 145 -10.14 11.38 15.60
C GLY B 145 -8.66 11.65 15.75
N LYS B 146 -8.28 12.89 15.47
CA LYS B 146 -6.88 13.29 15.58
C LYS B 146 -6.35 13.24 17.00
N PRO B 147 -7.06 13.69 18.04
CA PRO B 147 -6.50 13.61 19.39
C PRO B 147 -6.15 12.19 19.83
N ALA B 148 -6.92 11.20 19.39
CA ALA B 148 -6.60 9.82 19.75
C ALA B 148 -5.31 9.36 19.07
N ALA B 149 -5.09 9.80 17.82
CA ALA B 149 -3.87 9.42 17.12
C ALA B 149 -2.65 10.11 17.71
N ARG B 150 -2.78 11.40 18.07
CA ARG B 150 -1.67 12.11 18.70
C ARG B 150 -1.38 11.56 20.09
N LYS B 151 -2.41 11.13 20.82
CA LYS B 151 -2.18 10.51 22.12
C LYS B 151 -1.37 9.24 21.99
N ALA B 152 -1.71 8.39 21.00
CA ALA B 152 -0.92 7.19 20.76
C ALA B 152 0.48 7.53 20.29
N LEU B 153 0.63 8.61 19.52
CA LEU B 153 1.95 8.99 19.02
C LEU B 153 2.84 9.50 20.13
N ASP B 154 2.28 10.29 21.07
CA ASP B 154 3.08 10.84 22.16
C ASP B 154 3.44 9.76 23.17
N ARG B 155 2.48 8.93 23.55
CA ARG B 155 2.74 7.91 24.56
C ARG B 155 3.77 6.89 24.09
N CYS B 156 3.79 6.57 22.80
CA CYS B 156 4.72 5.61 22.25
C CYS B 156 6.06 6.22 21.85
N SER B 157 6.15 7.55 21.78
CA SER B 157 7.42 8.18 21.41
C SER B 157 8.34 8.31 22.62
N GLU B 158 7.78 8.63 23.78
CA GLU B 158 8.57 8.75 25.01
C GLU B 158 8.53 7.52 25.89
N GLY B 159 7.58 6.60 25.65
CA GLY B 159 7.51 5.36 26.38
C GLY B 159 7.63 4.15 25.47
N SER B 160 7.92 2.99 26.04
CA SER B 160 8.07 1.76 25.29
C SER B 160 6.76 0.97 25.38
N PHE B 161 6.02 0.91 24.27
CA PHE B 161 4.75 0.23 24.21
C PHE B 161 4.95 -1.19 23.70
N LEU B 162 4.61 -2.17 24.53
CA LEU B 162 4.83 -3.58 24.24
C LEU B 162 3.50 -4.24 23.91
N LEU B 163 3.47 -5.00 22.80
CA LEU B 163 2.24 -5.64 22.37
C LEU B 163 2.09 -7.04 22.96
N THR B 164 3.17 -7.81 23.03
CA THR B 164 3.11 -9.17 23.54
C THR B 164 4.09 -9.37 24.70
N THR B 165 4.52 -10.62 24.90
CA THR B 165 5.46 -10.91 25.97
C THR B 165 6.88 -10.48 25.62
N PHE B 166 7.25 -10.57 24.35
CA PHE B 166 8.61 -10.21 23.94
C PHE B 166 8.85 -8.73 24.23
N PRO B 167 9.96 -8.38 24.88
CA PRO B 167 10.17 -7.00 25.35
C PRO B 167 10.84 -6.10 24.30
N ARG B 168 10.20 -6.00 23.13
CA ARG B 168 10.65 -5.08 22.11
C ARG B 168 9.50 -4.11 21.79
N PRO B 169 9.66 -2.82 22.05
CA PRO B 169 8.57 -1.88 21.77
C PRO B 169 8.41 -1.62 20.27
N VAL B 170 7.19 -1.27 19.89
CA VAL B 170 6.88 -0.94 18.51
C VAL B 170 7.15 0.54 18.29
N THR B 171 7.48 0.88 17.04
CA THR B 171 7.73 2.27 16.66
C THR B 171 6.48 2.83 15.98
N VAL B 172 6.00 3.97 16.49
CA VAL B 172 4.78 4.60 16.00
C VAL B 172 5.15 5.89 15.30
N GLU B 173 4.76 6.01 14.03
CA GLU B 173 5.03 7.18 13.21
C GLU B 173 3.75 7.65 12.54
N PRO B 174 3.64 8.94 12.24
CA PRO B 174 2.50 9.41 11.45
C PRO B 174 2.47 8.76 10.08
N MET B 175 1.28 8.42 9.61
CA MET B 175 1.12 7.69 8.37
C MET B 175 1.50 8.58 7.18
N ASP B 176 2.51 8.16 6.43
CA ASP B 176 2.90 8.86 5.21
C ASP B 176 2.03 8.32 4.08
N GLN B 177 0.94 9.03 3.81
CA GLN B 177 -0.06 8.56 2.85
C GLN B 177 0.50 8.62 1.44
N LEU B 178 0.72 7.46 0.83
CA LEU B 178 1.19 7.37 -0.55
C LEU B 178 0.02 6.97 -1.45
N ASP B 179 -0.05 7.59 -2.62
CA ASP B 179 -1.14 7.36 -3.57
C ASP B 179 -0.58 6.70 -4.83
N ASP B 180 -1.00 5.46 -5.08
CA ASP B 180 -0.65 4.75 -6.30
C ASP B 180 -1.88 4.47 -7.17
N GLU B 181 -2.97 5.19 -6.94
CA GLU B 181 -4.21 5.04 -7.70
C GLU B 181 -4.38 6.15 -8.72
N GLU B 182 -4.55 7.39 -8.24
CA GLU B 182 -4.66 8.52 -9.16
C GLU B 182 -3.31 8.88 -9.75
N GLY B 183 -2.23 8.73 -8.97
CA GLY B 183 -0.90 8.96 -9.48
C GLY B 183 -0.64 10.42 -9.82
N LEU B 184 0.20 10.62 -10.83
CA LEU B 184 0.57 11.95 -11.33
C LEU B 184 0.14 12.03 -12.80
N PRO B 185 -1.11 12.40 -13.07
CA PRO B 185 -1.55 12.46 -14.48
C PRO B 185 -0.85 13.56 -15.27
N GLU B 186 -0.69 14.75 -14.69
CA GLU B 186 -0.09 15.87 -15.40
C GLU B 186 0.33 16.93 -14.38
N LYS B 187 1.26 17.78 -14.80
CA LYS B 187 1.80 18.83 -13.95
C LYS B 187 2.09 20.05 -14.82
N LEU B 188 2.74 21.05 -14.23
CA LEU B 188 2.98 22.32 -14.88
C LEU B 188 4.42 22.42 -15.37
N VAL B 189 4.81 23.60 -15.84
CA VAL B 189 6.12 23.85 -16.40
C VAL B 189 7.01 24.44 -15.32
N ILE B 190 8.04 23.70 -14.92
CA ILE B 190 8.97 24.15 -13.89
C ILE B 190 9.76 25.36 -14.39
N LYS B 197 11.09 21.53 -20.69
CA LYS B 197 12.36 21.46 -21.37
C LYS B 197 12.99 20.07 -21.21
N GLU B 198 12.67 19.41 -20.08
CA GLU B 198 13.18 18.07 -19.85
C GLU B 198 12.64 17.06 -20.85
N ARG B 199 11.53 17.37 -21.50
CA ARG B 199 10.91 16.46 -22.47
C ARG B 199 11.12 16.91 -23.90
N GLU B 200 12.22 17.62 -24.18
CA GLU B 200 12.62 17.85 -25.55
C GLU B 200 12.88 16.53 -26.27
N GLN B 201 13.59 15.62 -25.61
CA GLN B 201 13.93 14.31 -26.14
C GLN B 201 13.04 13.25 -25.51
N PRO B 202 12.46 12.37 -26.31
CA PRO B 202 11.54 11.36 -25.77
C PRO B 202 12.29 10.31 -24.98
N PRO B 203 11.58 9.42 -24.28
CA PRO B 203 12.26 8.29 -23.62
C PRO B 203 13.05 7.46 -24.62
N ARG B 204 14.24 7.02 -24.20
CA ARG B 204 15.16 6.38 -25.11
C ARG B 204 16.19 5.59 -24.31
N PHE B 205 16.90 4.71 -25.02
CA PHE B 205 18.05 4.02 -24.48
C PHE B 205 19.31 4.76 -24.89
N ALA B 206 20.13 5.13 -23.91
CA ALA B 206 21.35 5.88 -24.20
C ALA B 206 22.35 5.02 -24.94
N GLN B 207 23.01 5.61 -25.93
CA GLN B 207 24.00 4.88 -26.71
C GLN B 207 25.28 4.70 -25.90
N PRO B 208 25.79 3.48 -25.78
CA PRO B 208 27.04 3.27 -25.02
C PRO B 208 28.18 4.07 -25.61
N GLY B 209 28.81 4.90 -24.77
CA GLY B 209 29.89 5.76 -25.17
C GLY B 209 29.53 7.23 -25.20
N SER B 210 28.24 7.55 -25.35
CA SER B 210 27.81 8.94 -25.38
C SER B 210 27.91 9.57 -23.99
N PHE B 211 27.71 10.90 -23.95
CA PHE B 211 27.76 11.60 -22.67
C PHE B 211 26.58 11.22 -21.79
N GLU B 212 25.42 10.93 -22.38
CA GLU B 212 24.26 10.50 -21.60
C GLU B 212 24.52 9.15 -20.94
N TYR B 213 25.07 8.20 -21.70
CA TYR B 213 25.39 6.89 -21.15
C TYR B 213 26.46 6.98 -20.08
N GLU B 214 27.51 7.78 -20.33
CA GLU B 214 28.58 7.93 -19.35
C GLU B 214 28.08 8.55 -18.06
N TYR B 215 27.28 9.61 -18.18
CA TYR B 215 26.83 10.32 -16.99
C TYR B 215 25.77 9.54 -16.23
N ALA B 216 24.96 8.75 -16.94
CA ALA B 216 23.94 7.95 -16.26
C ALA B 216 24.54 6.77 -15.51
N MET B 217 25.67 6.24 -15.99
CA MET B 217 26.34 5.19 -15.25
C MET B 217 26.88 5.69 -13.92
N ARG B 218 27.28 6.95 -13.85
CA ARG B 218 27.66 7.54 -12.56
C ARG B 218 26.46 7.62 -11.63
N TRP B 219 25.26 7.79 -12.18
CA TRP B 219 24.05 7.79 -11.35
C TRP B 219 23.76 6.39 -10.81
N LYS B 220 23.92 5.37 -11.65
CA LYS B 220 23.76 4.00 -11.18
C LYS B 220 24.84 3.61 -10.18
N ALA B 221 25.99 4.28 -10.21
CA ALA B 221 27.06 3.95 -9.27
C ALA B 221 26.66 4.29 -7.85
N LEU B 222 26.15 5.51 -7.63
CA LEU B 222 25.73 5.91 -6.29
C LEU B 222 24.44 5.24 -5.87
N ILE B 223 23.60 4.82 -6.81
CA ILE B 223 22.41 4.06 -6.47
C ILE B 223 22.80 2.72 -5.86
N GLU B 224 23.72 2.00 -6.50
CA GLU B 224 24.22 0.76 -5.94
C GLU B 224 25.17 0.99 -4.78
N MET B 225 25.76 2.18 -4.68
CA MET B 225 26.56 2.50 -3.50
C MET B 225 25.69 2.61 -2.26
N GLU B 226 24.51 3.22 -2.39
CA GLU B 226 23.58 3.26 -1.27
C GLU B 226 23.09 1.86 -0.91
N LYS B 227 22.91 1.00 -1.91
CA LYS B 227 22.47 -0.36 -1.64
C LYS B 227 23.50 -1.11 -0.80
N GLN B 228 24.78 -0.85 -1.02
CA GLN B 228 25.80 -1.48 -0.19
C GLN B 228 25.83 -0.87 1.21
N GLN B 229 25.65 0.45 1.31
CA GLN B 229 25.64 1.09 2.62
C GLN B 229 24.37 0.74 3.39
N GLN B 230 23.23 0.65 2.71
CA GLN B 230 22.01 0.22 3.38
C GLN B 230 22.07 -1.25 3.77
N ASP B 231 22.86 -2.05 3.07
CA ASP B 231 23.10 -3.43 3.48
C ASP B 231 24.19 -3.54 4.54
N GLN B 232 25.10 -2.58 4.60
CA GLN B 232 26.11 -2.59 5.64
C GLN B 232 25.51 -2.28 7.00
N VAL B 233 24.59 -1.31 7.05
CA VAL B 233 23.87 -1.05 8.29
C VAL B 233 22.90 -2.18 8.63
N ASP B 234 22.50 -2.96 7.62
CA ASP B 234 21.73 -4.17 7.91
C ASP B 234 22.55 -5.18 8.70
N ARG B 235 23.87 -5.22 8.46
CA ARG B 235 24.73 -6.14 9.19
C ARG B 235 25.14 -5.58 10.54
N ASN B 236 25.30 -4.26 10.65
CA ASN B 236 25.64 -3.65 11.93
C ASN B 236 24.51 -3.83 12.94
N ILE B 237 23.27 -3.61 12.51
CA ILE B 237 22.13 -3.83 13.40
C ILE B 237 21.93 -5.31 13.67
N LYS B 238 22.28 -6.17 12.69
CA LYS B 238 22.08 -7.60 12.87
C LYS B 238 22.96 -8.17 13.96
N GLU B 239 24.24 -7.78 14.00
CA GLU B 239 25.14 -8.32 15.01
C GLU B 239 24.84 -7.76 16.40
N ALA B 240 24.41 -6.50 16.48
CA ALA B 240 24.01 -5.95 17.78
C ALA B 240 22.68 -6.52 18.23
N ARG B 241 21.83 -6.92 17.29
CA ARG B 241 20.56 -7.54 17.64
C ARG B 241 20.78 -8.91 18.26
N GLU B 242 21.62 -9.74 17.62
CA GLU B 242 21.90 -11.06 18.16
C GLU B 242 22.65 -10.98 19.49
N LYS B 243 23.45 -9.93 19.68
CA LYS B 243 24.10 -9.73 20.97
C LYS B 243 23.07 -9.42 22.06
N LEU B 244 22.07 -8.61 21.73
CA LEU B 244 21.03 -8.30 22.70
C LEU B 244 20.12 -9.49 22.96
N GLU B 245 19.81 -10.26 21.91
CA GLU B 245 18.98 -11.44 22.08
C GLU B 245 19.70 -12.52 22.87
N MET B 246 21.01 -12.64 22.71
CA MET B 246 21.78 -13.58 23.54
C MET B 246 21.80 -13.14 24.99
N GLU B 247 21.84 -11.82 25.23
CA GLU B 247 21.83 -11.34 26.61
C GLU B 247 20.46 -11.52 27.26
N MET B 248 19.39 -11.53 26.47
CA MET B 248 18.06 -11.76 27.02
C MET B 248 17.84 -13.21 27.40
N GLU B 249 18.25 -14.15 26.54
CA GLU B 249 18.09 -15.56 26.86
C GLU B 249 18.98 -15.97 28.02
N ALA B 250 20.09 -15.26 28.23
CA ALA B 250 20.93 -15.54 29.39
C ALA B 250 20.25 -15.05 30.67
N ALA B 251 19.64 -13.86 30.63
CA ALA B 251 18.88 -13.38 31.77
C ALA B 251 17.59 -14.17 31.97
N ARG B 252 17.07 -14.79 30.92
CA ARG B 252 15.89 -15.62 31.07
C ARG B 252 16.17 -16.82 31.95
N HIS B 253 17.37 -17.40 31.83
CA HIS B 253 17.75 -18.51 32.70
C HIS B 253 18.03 -18.06 34.13
N GLU B 254 18.35 -16.79 34.34
CA GLU B 254 18.72 -16.29 35.66
C GLU B 254 17.45 -16.03 36.47
N HIS B 255 17.28 -16.78 37.55
CA HIS B 255 16.16 -16.59 38.47
C HIS B 255 16.61 -16.97 39.87
N GLN B 256 16.56 -16.01 40.79
CA GLN B 256 16.99 -16.26 42.16
C GLN B 256 16.05 -17.22 42.87
CL CL C . -2.76 -14.21 -5.53
CL CL D . -1.24 -17.69 -3.08
CL CL E . 19.41 -0.84 -13.06
CL CL F . -0.30 -22.35 -3.79
CL CL G . -20.96 10.44 9.50
#